data_6XNV
#
_entry.id   6XNV
#
_cell.length_a   61.934
_cell.length_b   61.934
_cell.length_c   171.509
_cell.angle_alpha   90.000
_cell.angle_beta   90.000
_cell.angle_gamma   90.000
#
_symmetry.space_group_name_H-M   'P 43 21 2'
#
loop_
_entity.id
_entity.type
_entity.pdbx_description
1 polymer 'CBS domain-containing protein'
2 non-polymer "(2R,3R,3aS,5R,7aR,9R,10R,10aS,12R,14aR)-2,9-bis(6-amino-9H-purin-9-yl)octahydro-2H,7H-difuro[3,2-d:3',2'-j][1,3,7,9,2,8 ]tetraoxadiphosphacyclododecine-3,5,10,12-tetrol 5,12-dioxide"
3 water water
#
_entity_poly.entity_id   1
_entity_poly.type   'polypeptide(L)'
_entity_poly.pdbx_seq_one_letter_code
;MGSSHHHHHHSSGMISNRFGQFIDNELADSMISAEKVAHVQLGNNLEHALLVLTKCGYSVIPVLDFEFKLHGLISAAMIT
DAILGLERIEFERLEDLKVEDVMQTDFPVIKDFNNNERIVHLLVDHPFVCVVDSDHHFEGIVTRRVVLKQVNRYIHLQVE
ENR
;
_entity_poly.pdbx_strand_id   A,B
#
# COMPACT_ATOMS: atom_id res chain seq x y z
N ASN A 25 -11.36 -5.53 -24.35
CA ASN A 25 -10.60 -4.60 -23.53
C ASN A 25 -9.19 -4.32 -24.07
N GLU A 26 -8.48 -3.44 -23.36
CA GLU A 26 -7.16 -2.96 -23.73
C GLU A 26 -6.16 -3.19 -22.60
N LEU A 27 -6.51 -4.07 -21.65
CA LEU A 27 -5.72 -4.26 -20.44
C LEU A 27 -4.25 -4.54 -20.75
N ALA A 28 -3.99 -5.33 -21.79
CA ALA A 28 -2.61 -5.67 -22.16
C ALA A 28 -1.76 -4.42 -22.40
N ASP A 29 -2.29 -3.46 -23.16
CA ASP A 29 -1.48 -2.31 -23.56
C ASP A 29 -1.07 -1.45 -22.37
N SER A 30 -1.78 -1.56 -21.26
CA SER A 30 -1.60 -0.67 -20.12
C SER A 30 -0.69 -1.24 -19.04
N MET A 31 -0.15 -2.44 -19.23
CA MET A 31 0.81 -3.03 -18.29
C MET A 31 1.99 -2.10 -18.07
N ILE A 32 2.44 -2.03 -16.83
CA ILE A 32 3.67 -1.29 -16.50
C ILE A 32 4.85 -2.16 -16.86
N SER A 33 5.66 -1.71 -17.81
CA SER A 33 6.83 -2.46 -18.23
C SER A 33 7.78 -2.71 -17.06
N ALA A 34 8.49 -3.83 -17.13
CA ALA A 34 9.35 -4.26 -16.04
C ALA A 34 10.42 -3.21 -15.73
N GLU A 35 10.98 -2.56 -16.74
CA GLU A 35 12.03 -1.59 -16.48
C GLU A 35 11.55 -0.41 -15.64
N LYS A 36 10.24 -0.25 -15.45
CA LYS A 36 9.70 0.82 -14.62
C LYS A 36 9.30 0.35 -13.23
N VAL A 37 9.49 -0.93 -12.90
CA VAL A 37 8.99 -1.54 -11.67
C VAL A 37 10.17 -1.72 -10.73
N ALA A 38 10.11 -1.10 -9.56
CA ALA A 38 11.13 -1.34 -8.54
C ALA A 38 11.01 -2.77 -8.00
N HIS A 39 12.16 -3.35 -7.67
CA HIS A 39 12.22 -4.71 -7.13
C HIS A 39 13.48 -4.88 -6.32
N VAL A 40 13.49 -5.87 -5.44
CA VAL A 40 14.71 -6.25 -4.75
C VAL A 40 15.14 -7.59 -5.29
N GLN A 41 16.43 -7.87 -5.14
CA GLN A 41 17.03 -9.08 -5.66
C GLN A 41 17.18 -10.12 -4.56
N LEU A 42 17.06 -11.38 -4.97
CA LEU A 42 17.30 -12.53 -4.11
C LEU A 42 18.65 -12.41 -3.41
N GLY A 43 18.73 -12.96 -2.20
CA GLY A 43 19.97 -13.02 -1.48
C GLY A 43 20.29 -11.79 -0.65
N ASN A 44 19.71 -10.64 -0.96
CA ASN A 44 19.98 -9.47 -0.16
C ASN A 44 19.45 -9.67 1.25
N ASN A 45 19.86 -8.81 2.18
CA ASN A 45 19.34 -8.92 3.53
C ASN A 45 18.10 -8.04 3.69
N LEU A 46 17.47 -8.15 4.86
CA LEU A 46 16.23 -7.41 5.09
C LEU A 46 16.48 -5.92 5.23
N GLU A 47 17.68 -5.52 5.62
CA GLU A 47 18.00 -4.10 5.64
C GLU A 47 18.04 -3.52 4.23
N HIS A 48 18.65 -4.25 3.30
CA HIS A 48 18.64 -3.79 1.92
C HIS A 48 17.20 -3.61 1.44
N ALA A 49 16.34 -4.58 1.72
CA ALA A 49 14.97 -4.50 1.24
C ALA A 49 14.26 -3.27 1.82
N LEU A 50 14.49 -2.95 3.10
CA LEU A 50 13.88 -1.76 3.66
C LEU A 50 14.34 -0.51 2.93
N LEU A 51 15.64 -0.39 2.68
CA LEU A 51 16.15 0.78 1.97
C LEU A 51 15.50 0.92 0.59
N VAL A 52 15.40 -0.17 -0.17
CA VAL A 52 14.75 -0.09 -1.48
C VAL A 52 13.28 0.31 -1.32
N LEU A 53 12.58 -0.35 -0.39
CA LEU A 53 11.18 -0.01 -0.18
C LEU A 53 11.03 1.46 0.15
N THR A 54 11.85 1.94 1.10
CA THR A 54 11.77 3.33 1.52
C THR A 54 12.16 4.26 0.37
N LYS A 55 13.24 3.95 -0.35
CA LYS A 55 13.69 4.86 -1.39
C LYS A 55 12.72 4.92 -2.58
N CYS A 56 12.24 3.76 -3.08
CA CYS A 56 11.36 3.81 -4.25
C CYS A 56 9.95 4.27 -3.94
N GLY A 57 9.53 4.32 -2.67
CA GLY A 57 8.22 4.81 -2.37
C GLY A 57 7.05 3.85 -2.54
N TYR A 58 7.27 2.66 -3.07
CA TYR A 58 6.20 1.66 -3.18
C TYR A 58 6.22 0.73 -1.98
N SER A 59 5.04 0.34 -1.52
CA SER A 59 4.95 -0.41 -0.28
C SER A 59 4.99 -1.93 -0.48
N VAL A 60 4.81 -2.45 -1.70
CA VAL A 60 4.92 -3.88 -2.01
C VAL A 60 5.57 -4.00 -3.37
N ILE A 61 6.64 -4.78 -3.48
CA ILE A 61 7.37 -4.87 -4.74
C ILE A 61 7.84 -6.30 -4.97
N PRO A 62 8.12 -6.67 -6.22
CA PRO A 62 8.55 -8.03 -6.51
C PRO A 62 10.00 -8.29 -6.09
N VAL A 63 10.27 -9.57 -5.90
CA VAL A 63 11.59 -10.10 -5.68
C VAL A 63 11.99 -10.86 -6.93
N LEU A 64 13.09 -10.44 -7.56
CA LEU A 64 13.60 -11.11 -8.75
C LEU A 64 14.99 -11.66 -8.50
N ASP A 65 15.37 -12.67 -9.28
CA ASP A 65 16.70 -13.22 -9.27
C ASP A 65 17.53 -12.60 -10.39
N PHE A 66 18.79 -13.03 -10.49
CA PHE A 66 19.70 -12.44 -11.46
C PHE A 66 19.32 -12.75 -12.89
N GLU A 67 18.35 -13.63 -13.13
CA GLU A 67 17.88 -13.87 -14.49
C GLU A 67 16.49 -13.28 -14.73
N PHE A 68 16.00 -12.45 -13.82
CA PHE A 68 14.70 -11.82 -13.91
C PHE A 68 13.56 -12.80 -13.68
N LYS A 69 13.82 -13.91 -13.01
CA LYS A 69 12.73 -14.79 -12.63
C LYS A 69 12.02 -14.21 -11.41
N LEU A 70 10.70 -14.31 -11.39
CA LEU A 70 9.90 -13.83 -10.27
C LEU A 70 9.86 -14.87 -9.17
N HIS A 71 10.22 -14.47 -7.95
CA HIS A 71 10.19 -15.39 -6.82
C HIS A 71 9.23 -15.00 -5.71
N GLY A 72 8.94 -13.72 -5.53
CA GLY A 72 8.16 -13.34 -4.36
C GLY A 72 7.68 -11.90 -4.44
N LEU A 73 6.96 -11.49 -3.40
CA LEU A 73 6.65 -10.10 -3.14
C LEU A 73 7.08 -9.76 -1.72
N ILE A 74 7.61 -8.56 -1.51
CA ILE A 74 8.07 -8.17 -0.18
C ILE A 74 7.54 -6.77 0.18
N SER A 75 7.16 -6.61 1.44
CA SER A 75 6.78 -5.32 2.02
C SER A 75 7.50 -5.12 3.34
N ALA A 76 7.43 -3.88 3.84
CA ALA A 76 7.98 -3.57 5.17
C ALA A 76 7.19 -4.28 6.25
N ALA A 77 5.89 -4.48 6.00
CA ALA A 77 5.05 -5.20 6.94
C ALA A 77 5.55 -6.63 7.13
N MET A 78 5.84 -7.35 6.04
CA MET A 78 6.41 -8.69 6.18
C MET A 78 7.71 -8.66 6.95
N ILE A 79 8.54 -7.68 6.67
CA ILE A 79 9.88 -7.60 7.28
C ILE A 79 9.75 -7.40 8.78
N THR A 80 8.97 -6.40 9.19
CA THR A 80 8.88 -6.05 10.60
C THR A 80 8.15 -7.12 11.39
N ASP A 81 7.17 -7.77 10.76
CA ASP A 81 6.50 -8.87 11.44
C ASP A 81 7.45 -10.02 11.69
N ALA A 82 8.42 -10.25 10.80
CA ALA A 82 9.35 -11.36 10.98
C ALA A 82 10.36 -11.12 12.10
N ILE A 83 10.57 -9.88 12.54
CA ILE A 83 11.49 -9.62 13.64
C ILE A 83 10.74 -9.12 14.87
N LEU A 84 9.42 -9.28 14.91
CA LEU A 84 8.65 -8.81 16.05
C LEU A 84 8.80 -9.84 17.17
N GLY A 85 9.63 -9.51 18.16
CA GLY A 85 9.92 -10.40 19.25
C GLY A 85 8.89 -10.30 20.36
N LEU A 86 9.35 -10.58 21.58
CA LEU A 86 8.49 -10.61 22.76
C LEU A 86 8.51 -9.30 23.53
N ARG A 88 8.43 -6.26 21.56
CA ARG A 88 9.44 -5.37 20.99
C ARG A 88 10.00 -5.86 19.63
N ILE A 89 10.24 -4.91 18.71
CA ILE A 89 10.77 -5.20 17.39
C ILE A 89 12.29 -5.30 17.46
N GLU A 90 12.85 -6.36 16.87
CA GLU A 90 14.26 -6.69 17.00
C GLU A 90 14.99 -6.37 15.69
N PHE A 91 15.37 -5.08 15.55
CA PHE A 91 15.97 -4.60 14.31
C PHE A 91 17.36 -5.20 14.02
N GLU A 92 17.99 -5.82 15.01
CA GLU A 92 19.37 -6.28 14.82
C GLU A 92 19.43 -7.48 13.88
N ARG A 93 18.36 -8.22 13.75
CA ARG A 93 18.33 -9.39 12.89
C ARG A 93 18.13 -9.05 11.42
N LEU A 94 17.99 -7.77 11.08
CA LEU A 94 17.73 -7.42 9.69
C LEU A 94 18.90 -7.81 8.79
N GLU A 95 20.12 -7.76 9.32
CA GLU A 95 21.32 -8.06 8.53
C GLU A 95 21.51 -9.56 8.32
N ASP A 96 20.86 -10.40 9.10
CA ASP A 96 21.05 -11.83 9.00
C ASP A 96 19.94 -12.54 8.22
N LEU A 97 18.76 -11.94 8.10
CA LEU A 97 17.68 -12.54 7.33
C LEU A 97 17.76 -12.09 5.87
N LYS A 98 17.46 -13.02 4.97
CA LYS A 98 17.41 -12.78 3.53
C LYS A 98 15.98 -12.49 3.10
N VAL A 99 15.82 -11.78 1.97
CA VAL A 99 14.46 -11.42 1.56
C VAL A 99 13.63 -12.66 1.32
N GLU A 100 14.28 -13.73 0.83
CA GLU A 100 13.58 -14.97 0.55
C GLU A 100 13.13 -15.68 1.82
N ASP A 101 13.66 -15.30 2.98
CA ASP A 101 13.14 -15.84 4.24
C ASP A 101 11.77 -15.29 4.61
N VAL A 102 11.47 -14.06 4.22
CA VAL A 102 10.21 -13.42 4.60
C VAL A 102 9.31 -13.10 3.41
N MET A 103 9.83 -13.09 2.19
CA MET A 103 8.97 -12.68 1.08
C MET A 103 7.77 -13.60 0.94
N GLN A 104 6.70 -13.04 0.42
CA GLN A 104 5.49 -13.79 0.12
C GLN A 104 5.69 -14.58 -1.16
N THR A 105 5.49 -15.90 -1.10
CA THR A 105 5.72 -16.75 -2.26
C THR A 105 4.45 -17.27 -2.90
N ASP A 106 3.28 -17.09 -2.27
CA ASP A 106 2.01 -17.56 -2.81
C ASP A 106 1.18 -16.34 -3.19
N PHE A 107 1.11 -16.07 -4.50
CA PHE A 107 0.46 -14.89 -5.08
C PHE A 107 0.03 -15.26 -6.48
N PRO A 108 -0.97 -14.60 -7.03
CA PRO A 108 -1.37 -14.87 -8.42
C PRO A 108 -0.47 -14.15 -9.42
N VAL A 109 -0.49 -14.65 -10.67
CA VAL A 109 0.26 -14.06 -11.77
C VAL A 109 -0.57 -14.15 -13.05
N ILE A 110 -0.26 -13.24 -14.00
CA ILE A 110 -0.87 -13.23 -15.32
C ILE A 110 0.06 -13.97 -16.28
N LYS A 111 -0.45 -15.03 -16.89
CA LYS A 111 0.27 -15.73 -17.97
C LYS A 111 -0.08 -15.21 -19.35
N ASP A 112 -1.27 -14.62 -19.52
CA ASP A 112 -1.74 -14.20 -20.83
C ASP A 112 -2.87 -13.21 -20.62
N PHE A 113 -3.31 -12.59 -21.72
CA PHE A 113 -4.43 -11.67 -21.65
C PHE A 113 -5.66 -12.22 -22.36
N ASN A 114 -5.89 -13.53 -22.26
CA ASN A 114 -7.09 -14.16 -22.80
C ASN A 114 -8.26 -14.09 -21.83
N ASN A 115 -7.99 -14.02 -20.52
CA ASN A 115 -9.03 -14.04 -19.51
C ASN A 115 -8.98 -12.78 -18.64
N ASN A 116 -9.19 -11.61 -19.26
CA ASN A 116 -8.99 -10.36 -18.55
C ASN A 116 -10.06 -10.09 -17.49
N GLU A 117 -11.20 -10.78 -17.54
CA GLU A 117 -12.13 -10.67 -16.44
C GLU A 117 -11.60 -11.37 -15.19
N ARG A 118 -10.65 -12.31 -15.35
CA ARG A 118 -9.93 -12.78 -14.17
C ARG A 118 -9.04 -11.68 -13.60
N ILE A 119 -8.47 -10.85 -14.48
CA ILE A 119 -7.61 -9.76 -14.00
C ILE A 119 -8.44 -8.74 -13.22
N VAL A 120 -9.65 -8.43 -13.69
CA VAL A 120 -10.50 -7.53 -12.92
C VAL A 120 -10.87 -8.17 -11.58
N HIS A 121 -11.11 -9.47 -11.57
CA HIS A 121 -11.47 -10.16 -10.33
C HIS A 121 -10.33 -10.15 -9.31
N LEU A 122 -9.08 -10.26 -9.75
CA LEU A 122 -7.97 -10.30 -8.78
C LEU A 122 -7.70 -8.92 -8.20
N LEU A 123 -7.88 -7.87 -9.01
CA LEU A 123 -7.64 -6.51 -8.55
C LEU A 123 -8.56 -6.13 -7.40
N VAL A 124 -9.67 -6.86 -7.24
CA VAL A 124 -10.50 -6.70 -6.05
C VAL A 124 -9.66 -6.88 -4.80
N ASP A 125 -8.82 -7.92 -4.80
CA ASP A 125 -8.09 -8.27 -3.59
C ASP A 125 -6.60 -8.06 -3.69
N HIS A 126 -6.08 -7.68 -4.86
CA HIS A 126 -4.65 -7.46 -5.05
C HIS A 126 -4.46 -6.11 -5.71
N PRO A 127 -3.74 -5.18 -5.07
CA PRO A 127 -3.48 -3.87 -5.71
C PRO A 127 -2.75 -3.99 -7.01
N PHE A 128 -2.04 -5.08 -7.27
CA PHE A 128 -1.39 -5.30 -8.55
C PHE A 128 -1.12 -6.79 -8.69
N VAL A 129 -0.94 -7.21 -9.95
CA VAL A 129 -0.62 -8.60 -10.29
C VAL A 129 0.52 -8.62 -11.30
N CYS A 130 1.55 -9.42 -11.00
CA CYS A 130 2.66 -9.59 -11.91
C CYS A 130 2.23 -10.38 -13.17
N VAL A 131 2.82 -10.03 -14.30
CA VAL A 131 2.67 -10.83 -15.51
C VAL A 131 4.03 -11.44 -15.81
N VAL A 132 4.04 -12.73 -16.12
CA VAL A 132 5.26 -13.47 -16.39
C VAL A 132 5.11 -14.19 -17.72
N ASP A 133 6.23 -14.64 -18.27
CA ASP A 133 6.18 -15.52 -19.43
C ASP A 133 6.15 -16.96 -18.94
N SER A 134 6.25 -17.92 -19.85
CA SER A 134 6.08 -19.32 -19.47
C SER A 134 7.24 -19.86 -18.65
N ASP A 135 8.38 -19.17 -18.60
CA ASP A 135 9.48 -19.56 -17.74
C ASP A 135 9.52 -18.71 -16.48
N HIS A 136 8.43 -18.02 -16.17
CA HIS A 136 8.29 -17.19 -14.98
C HIS A 136 9.25 -16.00 -15.01
N HIS A 137 9.72 -15.60 -16.18
CA HIS A 137 10.40 -14.31 -16.26
C HIS A 137 9.40 -13.19 -16.03
N PHE A 138 9.82 -12.19 -15.28
CA PHE A 138 8.94 -11.09 -14.92
C PHE A 138 8.86 -10.09 -16.06
N GLU A 139 7.65 -9.83 -16.56
CA GLU A 139 7.46 -8.91 -17.68
C GLU A 139 6.88 -7.57 -17.28
N GLY A 140 6.20 -7.48 -16.15
CA GLY A 140 5.60 -6.23 -15.74
C GLY A 140 4.46 -6.50 -14.77
N ILE A 141 3.67 -5.45 -14.53
CA ILE A 141 2.54 -5.57 -13.62
C ILE A 141 1.30 -4.88 -14.17
N VAL A 142 0.16 -5.28 -13.63
CA VAL A 142 -1.13 -4.67 -13.92
C VAL A 142 -1.68 -4.15 -12.60
N THR A 143 -1.97 -2.86 -12.52
CA THR A 143 -2.35 -2.25 -11.26
C THR A 143 -3.81 -1.86 -11.26
N ARG A 144 -4.36 -1.71 -10.05
CA ARG A 144 -5.71 -1.20 -9.90
C ARG A 144 -5.86 0.13 -10.60
N ARG A 145 -4.81 0.95 -10.58
CA ARG A 145 -4.87 2.29 -11.14
C ARG A 145 -5.35 2.28 -12.60
N VAL A 146 -4.91 1.31 -13.41
CA VAL A 146 -5.35 1.29 -14.80
C VAL A 146 -6.83 0.97 -14.94
N VAL A 147 -7.40 0.18 -14.03
CA VAL A 147 -8.85 -0.05 -14.11
C VAL A 147 -9.59 1.19 -13.63
N LEU A 148 -9.07 1.86 -12.60
CA LEU A 148 -9.74 3.02 -12.05
C LEU A 148 -9.79 4.16 -13.05
N LYS A 149 -8.72 4.33 -13.84
CA LYS A 149 -8.72 5.34 -14.88
C LYS A 149 -9.85 5.14 -15.89
N GLN A 150 -10.11 3.89 -16.28
CA GLN A 150 -11.20 3.63 -17.23
C GLN A 150 -12.56 3.91 -16.61
N VAL A 151 -12.73 3.54 -15.33
CA VAL A 151 -13.94 3.91 -14.60
C VAL A 151 -14.13 5.43 -14.63
N ASN A 152 -13.08 6.18 -14.25
CA ASN A 152 -13.18 7.63 -14.27
C ASN A 152 -13.50 8.14 -15.66
N ARG A 153 -12.88 7.54 -16.68
CA ARG A 153 -13.12 7.97 -18.05
C ARG A 153 -14.58 7.79 -18.41
N TYR A 154 -15.17 6.64 -18.07
CA TYR A 154 -16.57 6.37 -18.36
C TYR A 154 -17.48 7.43 -17.74
N ILE A 155 -17.27 7.75 -16.46
CA ILE A 155 -18.11 8.73 -15.80
C ILE A 155 -17.94 10.11 -16.42
N HIS A 156 -16.75 10.40 -16.96
CA HIS A 156 -16.54 11.70 -17.59
C HIS A 156 -17.27 11.82 -18.92
N LEU A 157 -17.57 10.69 -19.57
CA LEU A 157 -18.29 10.69 -20.83
C LEU A 157 -19.81 10.73 -20.64
N GLN A 158 -20.29 10.44 -19.42
CA GLN A 158 -21.64 10.76 -18.91
C GLN A 158 -21.90 10.03 -17.59
N ASN B 25 -22.95 7.17 -5.59
CA ASN B 25 -23.58 5.95 -6.10
C ASN B 25 -23.44 4.81 -5.10
N GLU B 26 -23.90 5.05 -3.86
CA GLU B 26 -23.81 4.07 -2.78
C GLU B 26 -22.38 3.68 -2.46
N LEU B 27 -21.44 4.59 -2.71
CA LEU B 27 -20.18 4.55 -1.98
C LEU B 27 -20.39 5.00 -0.55
N ALA B 28 -21.42 5.81 -0.31
CA ALA B 28 -21.72 6.27 1.04
C ALA B 28 -22.02 5.09 1.95
N ASP B 29 -22.94 4.22 1.54
CA ASP B 29 -23.29 3.08 2.36
C ASP B 29 -22.19 2.03 2.41
N SER B 30 -21.05 2.28 1.77
CA SER B 30 -19.93 1.35 1.74
C SER B 30 -18.71 1.82 2.51
N MET B 31 -18.66 3.12 2.85
CA MET B 31 -17.56 3.69 3.61
C MET B 31 -17.24 2.81 4.82
N ILE B 32 -15.96 2.63 5.09
CA ILE B 32 -15.57 1.81 6.23
C ILE B 32 -15.63 2.68 7.48
N SER B 33 -16.58 2.38 8.35
CA SER B 33 -16.78 3.18 9.54
C SER B 33 -15.50 3.41 10.32
N ALA B 34 -15.37 4.62 10.86
CA ALA B 34 -14.15 5.03 11.55
C ALA B 34 -13.74 4.05 12.66
N GLU B 35 -14.69 3.37 13.28
CA GLU B 35 -14.31 2.53 14.41
C GLU B 35 -13.74 1.18 13.98
N LYS B 36 -13.86 0.84 12.70
CA LYS B 36 -13.21 -0.32 12.12
C LYS B 36 -11.88 0.01 11.46
N VAL B 37 -11.42 1.26 11.60
CA VAL B 37 -10.23 1.76 10.92
C VAL B 37 -9.07 1.77 11.93
N ALA B 38 -8.01 1.03 11.63
CA ALA B 38 -6.80 1.13 12.42
C ALA B 38 -6.21 2.53 12.26
N HIS B 39 -5.70 3.07 13.37
CA HIS B 39 -5.09 4.39 13.33
C HIS B 39 -4.03 4.50 14.41
N VAL B 40 -3.20 5.54 14.31
CA VAL B 40 -2.24 5.88 15.36
C VAL B 40 -2.73 7.13 16.07
N GLN B 41 -2.63 7.14 17.39
CA GLN B 41 -3.00 8.32 18.16
C GLN B 41 -1.88 9.34 18.11
N LEU B 42 -2.26 10.60 17.95
CA LEU B 42 -1.28 11.68 17.92
C LEU B 42 -0.48 11.71 19.22
N GLY B 43 0.72 12.26 19.15
CA GLY B 43 1.61 12.29 20.29
C GLY B 43 2.39 11.02 20.54
N ASN B 44 1.93 9.87 20.05
CA ASN B 44 2.69 8.65 20.22
C ASN B 44 4.01 8.73 19.46
N ASN B 45 4.99 7.96 19.93
CA ASN B 45 6.29 7.93 19.27
C ASN B 45 6.28 6.94 18.11
N LEU B 46 7.35 7.01 17.31
CA LEU B 46 7.41 6.22 16.09
C LEU B 46 7.55 4.74 16.37
N GLU B 47 8.18 4.39 17.50
CA GLU B 47 8.23 2.98 17.91
C GLU B 47 6.82 2.43 18.05
N HIS B 48 5.96 3.15 18.76
CA HIS B 48 4.57 2.73 18.92
C HIS B 48 3.87 2.65 17.57
N ALA B 49 4.07 3.66 16.73
CA ALA B 49 3.39 3.70 15.43
C ALA B 49 3.79 2.50 14.57
N LEU B 50 5.08 2.17 14.54
CA LEU B 50 5.52 0.99 13.81
C LEU B 50 4.81 -0.26 14.30
N LEU B 51 4.61 -0.36 15.61
CA LEU B 51 3.93 -1.52 16.20
C LEU B 51 2.50 -1.61 15.71
N VAL B 52 1.78 -0.48 15.73
CA VAL B 52 0.40 -0.47 15.24
C VAL B 52 0.38 -0.81 13.75
N LEU B 53 1.28 -0.21 12.97
CA LEU B 53 1.33 -0.51 11.55
C LEU B 53 1.56 -2.00 11.34
N THR B 54 2.52 -2.57 12.07
CA THR B 54 2.85 -3.97 11.85
C THR B 54 1.66 -4.87 12.21
N LYS B 55 1.06 -4.64 13.38
CA LYS B 55 0.01 -5.53 13.85
C LYS B 55 -1.21 -5.52 12.93
N CYS B 56 -1.68 -4.32 12.55
CA CYS B 56 -2.90 -4.24 11.75
C CYS B 56 -2.69 -4.65 10.29
N GLY B 57 -1.46 -4.66 9.80
CA GLY B 57 -1.16 -5.09 8.45
C GLY B 57 -1.31 -4.04 7.37
N TYR B 58 -2.01 -2.94 7.65
CA TYR B 58 -2.27 -1.92 6.64
C TYR B 58 -1.05 -1.04 6.43
N SER B 59 -0.83 -0.63 5.19
CA SER B 59 0.39 0.10 4.85
C SER B 59 0.30 1.60 5.12
N VAL B 60 -0.90 2.18 5.03
CA VAL B 60 -1.09 3.59 5.36
C VAL B 60 -2.35 3.72 6.21
N ILE B 61 -2.23 4.35 7.38
CA ILE B 61 -3.39 4.53 8.27
C ILE B 61 -3.39 5.95 8.76
N PRO B 62 -4.56 6.47 9.15
CA PRO B 62 -4.66 7.86 9.56
C PRO B 62 -4.14 8.07 10.98
N VAL B 63 -3.91 9.35 11.31
CA VAL B 63 -3.47 9.76 12.65
C VAL B 63 -4.54 10.64 13.28
N LEU B 64 -4.93 10.29 14.50
CA LEU B 64 -6.02 10.95 15.21
C LEU B 64 -5.59 11.37 16.61
N ASP B 65 -6.25 12.42 17.14
CA ASP B 65 -6.15 12.81 18.54
C ASP B 65 -7.26 12.14 19.35
N PHE B 66 -7.25 12.40 20.66
CA PHE B 66 -8.18 11.72 21.57
C PHE B 66 -9.63 12.10 21.31
N GLU B 67 -9.88 13.19 20.58
CA GLU B 67 -11.20 13.55 20.11
C GLU B 67 -11.48 12.98 18.72
N PHE B 68 -10.56 12.18 18.17
CA PHE B 68 -10.72 11.49 16.89
C PHE B 68 -10.84 12.47 15.73
N LYS B 69 -10.12 13.59 15.84
CA LYS B 69 -9.92 14.51 14.74
C LYS B 69 -8.72 14.05 13.93
N LEU B 70 -8.82 14.20 12.61
CA LEU B 70 -7.83 13.72 11.68
C LEU B 70 -6.71 14.75 11.53
N HIS B 71 -5.47 14.30 11.71
CA HIS B 71 -4.31 15.16 11.53
C HIS B 71 -3.39 14.74 10.40
N GLY B 72 -3.38 13.47 10.00
CA GLY B 72 -2.48 13.05 8.93
C GLY B 72 -2.58 11.57 8.65
N LEU B 73 -1.71 11.13 7.75
CA LEU B 73 -1.52 9.70 7.44
C LEU B 73 -0.10 9.28 7.74
N ILE B 74 0.07 8.01 8.15
CA ILE B 74 1.36 7.48 8.57
C ILE B 74 1.60 6.14 7.88
N SER B 75 2.87 5.88 7.53
CA SER B 75 3.30 4.60 6.99
C SER B 75 4.69 4.27 7.52
N ALA B 76 5.10 3.01 7.31
CA ALA B 76 6.45 2.58 7.67
C ALA B 76 7.50 3.36 6.90
N ALA B 77 7.26 3.61 5.61
CA ALA B 77 8.22 4.37 4.81
C ALA B 77 8.42 5.79 5.35
N MET B 78 7.36 6.42 5.87
CA MET B 78 7.55 7.75 6.45
C MET B 78 8.48 7.67 7.66
N ILE B 79 8.30 6.62 8.47
CA ILE B 79 9.08 6.46 9.68
C ILE B 79 10.53 6.14 9.34
N THR B 80 10.74 5.19 8.44
CA THR B 80 12.09 4.77 8.12
C THR B 80 12.87 5.89 7.44
N ASP B 81 12.23 6.62 6.55
CA ASP B 81 12.94 7.73 5.91
C ASP B 81 13.40 8.75 6.95
N ALA B 82 12.61 8.95 8.01
CA ALA B 82 12.97 9.93 9.02
C ALA B 82 14.11 9.48 9.94
N ILE B 83 14.49 8.20 9.95
CA ILE B 83 15.57 7.74 10.81
C ILE B 83 16.76 7.25 9.99
N LEU B 84 16.83 7.60 8.71
CA LEU B 84 17.99 7.25 7.90
C LEU B 84 19.21 8.02 8.40
N GLY B 85 20.27 7.30 8.75
CA GLY B 85 21.54 7.92 9.11
C GLY B 85 22.50 8.00 7.92
N LEU B 86 23.72 8.42 8.22
CA LEU B 86 24.77 8.39 7.22
C LEU B 86 25.46 7.04 7.11
N GLU B 87 25.31 6.19 8.12
CA GLU B 87 25.94 4.89 8.13
C GLU B 87 24.96 3.73 8.26
N ARG B 88 23.77 3.97 8.80
CA ARG B 88 22.85 2.91 9.18
C ARG B 88 21.50 3.54 9.44
N ILE B 89 20.49 2.69 9.57
CA ILE B 89 19.14 3.13 9.92
C ILE B 89 19.10 3.24 11.44
N GLU B 90 18.94 4.48 11.93
CA GLU B 90 19.08 4.77 13.36
C GLU B 90 17.75 4.49 14.08
N PHE B 91 17.54 3.22 14.41
CA PHE B 91 16.30 2.79 15.06
C PHE B 91 16.18 3.32 16.49
N GLU B 92 17.31 3.52 17.17
CA GLU B 92 17.22 4.07 18.53
C GLU B 92 16.48 5.40 18.55
N ARG B 93 16.41 6.11 17.43
CA ARG B 93 15.66 7.35 17.37
C ARG B 93 14.15 7.16 17.26
N LEU B 94 13.67 5.93 17.09
CA LEU B 94 12.23 5.72 17.01
C LEU B 94 11.52 6.15 18.29
N GLU B 95 12.20 6.01 19.43
CA GLU B 95 11.62 6.41 20.71
C GLU B 95 11.50 7.92 20.84
N ASP B 96 12.36 8.66 20.14
CA ASP B 96 12.50 10.09 20.38
C ASP B 96 11.60 10.94 19.49
N LEU B 97 11.20 10.42 18.34
CA LEU B 97 10.35 11.18 17.42
C LEU B 97 8.90 10.80 17.63
N LYS B 98 8.01 11.73 17.34
CA LYS B 98 6.58 11.48 17.49
C LYS B 98 5.89 11.45 16.12
N VAL B 99 4.74 10.78 16.09
CA VAL B 99 4.06 10.50 14.83
C VAL B 99 3.77 11.79 14.06
N GLU B 100 3.45 12.89 14.75
CA GLU B 100 3.23 14.15 14.03
C GLU B 100 4.50 14.72 13.41
N ASP B 101 5.68 14.28 13.85
CA ASP B 101 6.90 14.79 13.22
C ASP B 101 7.00 14.34 11.77
N VAL B 102 6.50 13.14 11.45
CA VAL B 102 6.75 12.52 10.17
C VAL B 102 5.48 12.24 9.37
N MET B 103 4.31 12.35 9.98
CA MET B 103 3.08 12.05 9.26
C MET B 103 2.90 12.99 8.08
N GLN B 104 2.23 12.50 7.07
CA GLN B 104 1.90 13.32 5.91
C GLN B 104 0.67 14.17 6.21
N THR B 105 0.77 15.48 5.95
CA THR B 105 -0.30 16.41 6.32
C THR B 105 -1.11 16.92 5.13
N ASP B 106 -0.56 16.91 3.92
CA ASP B 106 -1.28 17.29 2.72
C ASP B 106 -1.80 16.02 2.05
N PHE B 107 -3.11 15.83 2.09
CA PHE B 107 -3.76 14.62 1.61
C PHE B 107 -5.23 14.94 1.36
N PRO B 108 -5.84 14.34 0.34
CA PRO B 108 -7.20 14.73 -0.03
C PRO B 108 -8.20 14.30 1.02
N VAL B 109 -9.37 14.92 0.99
CA VAL B 109 -10.40 14.59 1.95
C VAL B 109 -11.78 14.69 1.29
N ILE B 110 -12.74 13.99 1.88
CA ILE B 110 -14.14 14.06 1.50
C ILE B 110 -14.91 14.62 2.69
N LYS B 111 -15.67 15.68 2.44
CA LYS B 111 -16.51 16.27 3.48
C LYS B 111 -17.97 15.86 3.35
N ASP B 112 -18.40 15.49 2.14
CA ASP B 112 -19.78 15.07 1.96
C ASP B 112 -19.88 14.20 0.71
N PHE B 113 -20.97 13.46 0.63
CA PHE B 113 -21.22 12.52 -0.46
C PHE B 113 -22.07 13.11 -1.58
N ASN B 114 -22.13 14.44 -1.72
CA ASN B 114 -22.81 15.07 -2.85
C ASN B 114 -21.91 15.23 -4.07
N ASN B 115 -20.68 14.72 -4.01
CA ASN B 115 -19.70 14.90 -5.07
C ASN B 115 -18.91 13.60 -5.21
N ASN B 116 -19.63 12.51 -5.45
CA ASN B 116 -18.98 11.20 -5.47
C ASN B 116 -18.38 10.84 -6.82
N GLU B 117 -18.47 11.73 -7.81
CA GLU B 117 -17.54 11.65 -8.92
C GLU B 117 -16.16 12.05 -8.45
N ARG B 118 -16.07 12.99 -7.51
CA ARG B 118 -14.77 13.38 -6.97
C ARG B 118 -14.10 12.20 -6.27
N ILE B 119 -14.89 11.42 -5.52
CA ILE B 119 -14.35 10.24 -4.86
C ILE B 119 -13.71 9.30 -5.88
N VAL B 120 -14.38 9.10 -7.01
CA VAL B 120 -13.85 8.17 -8.00
C VAL B 120 -12.61 8.76 -8.67
N HIS B 121 -12.69 10.03 -9.08
CA HIS B 121 -11.50 10.71 -9.57
C HIS B 121 -10.35 10.63 -8.57
N LEU B 122 -10.65 10.77 -7.28
CA LEU B 122 -9.61 10.73 -6.27
C LEU B 122 -9.00 9.33 -6.15
N LEU B 123 -9.83 8.28 -6.21
CA LEU B 123 -9.35 6.93 -5.99
C LEU B 123 -8.39 6.46 -7.07
N VAL B 124 -8.34 7.15 -8.20
CA VAL B 124 -7.39 6.79 -9.26
C VAL B 124 -5.96 6.91 -8.75
N ASP B 125 -5.70 7.80 -7.81
CA ASP B 125 -4.35 8.04 -7.36
C ASP B 125 -4.18 7.86 -5.86
N HIS B 126 -5.25 7.52 -5.14
CA HIS B 126 -5.18 7.33 -3.70
C HIS B 126 -5.88 6.04 -3.30
N PRO B 127 -5.17 5.10 -2.69
CA PRO B 127 -5.83 3.84 -2.29
C PRO B 127 -7.10 4.05 -1.49
N PHE B 128 -7.14 5.06 -0.63
CA PHE B 128 -8.32 5.36 0.15
C PHE B 128 -8.39 6.87 0.38
N VAL B 129 -9.59 7.33 0.72
CA VAL B 129 -9.82 8.74 1.01
C VAL B 129 -10.56 8.86 2.34
N CYS B 130 -10.01 9.66 3.24
CA CYS B 130 -10.68 9.97 4.48
C CYS B 130 -11.91 10.84 4.24
N VAL B 131 -12.97 10.55 4.97
CA VAL B 131 -14.15 11.39 5.00
C VAL B 131 -14.24 12.01 6.40
N VAL B 132 -14.55 13.30 6.45
CA VAL B 132 -14.60 14.07 7.69
C VAL B 132 -15.78 15.03 7.64
N ASP B 133 -16.16 15.54 8.81
CA ASP B 133 -17.16 16.61 8.85
C ASP B 133 -16.45 17.97 8.76
N SER B 134 -17.22 19.05 8.91
CA SER B 134 -16.69 20.39 8.72
C SER B 134 -15.64 20.76 9.77
N ASP B 135 -15.65 20.09 10.93
CA ASP B 135 -14.63 20.29 11.96
C ASP B 135 -13.43 19.36 11.78
N HIS B 136 -13.32 18.69 10.63
CA HIS B 136 -12.26 17.74 10.34
C HIS B 136 -12.29 16.55 11.29
N HIS B 137 -13.50 16.13 11.67
CA HIS B 137 -13.72 14.99 12.55
C HIS B 137 -13.80 13.73 11.70
N PHE B 138 -13.00 12.73 12.04
CA PHE B 138 -12.81 11.55 11.19
C PHE B 138 -14.04 10.64 11.22
N GLU B 139 -14.72 10.54 10.09
CA GLU B 139 -15.91 9.72 9.96
C GLU B 139 -15.60 8.31 9.47
N GLY B 140 -14.63 8.15 8.58
CA GLY B 140 -14.27 6.84 8.06
C GLY B 140 -13.53 7.01 6.74
N ILE B 141 -13.44 5.91 5.99
CA ILE B 141 -12.70 5.95 4.74
C ILE B 141 -13.49 5.31 3.60
N VAL B 142 -13.16 5.74 2.39
CA VAL B 142 -13.60 5.09 1.17
C VAL B 142 -12.37 4.45 0.53
N THR B 143 -12.48 3.17 0.15
CA THR B 143 -11.34 2.45 -0.41
C THR B 143 -11.57 2.09 -1.87
N ARG B 144 -10.46 1.91 -2.58
CA ARG B 144 -10.51 1.42 -3.96
C ARG B 144 -11.29 0.12 -4.05
N ARG B 145 -11.12 -0.76 -3.06
CA ARG B 145 -11.73 -2.09 -3.11
C ARG B 145 -13.24 -2.00 -3.24
N VAL B 146 -13.83 -1.02 -2.57
CA VAL B 146 -15.27 -0.82 -2.65
C VAL B 146 -15.69 -0.60 -4.09
N VAL B 147 -14.94 0.22 -4.82
CA VAL B 147 -15.29 0.50 -6.21
C VAL B 147 -15.04 -0.70 -7.09
N LEU B 148 -13.88 -1.35 -6.92
CA LEU B 148 -13.53 -2.46 -7.78
C LEU B 148 -14.46 -3.66 -7.58
N LYS B 149 -14.98 -3.84 -6.36
CA LYS B 149 -16.01 -4.85 -6.15
C LYS B 149 -17.22 -4.58 -7.04
N GLN B 150 -17.65 -3.34 -7.14
CA GLN B 150 -18.78 -3.04 -8.00
C GLN B 150 -18.45 -3.19 -9.48
N VAL B 151 -17.23 -2.88 -9.89
CA VAL B 151 -16.84 -3.04 -11.29
C VAL B 151 -16.86 -4.51 -11.69
N ASN B 152 -16.25 -5.36 -10.85
CA ASN B 152 -16.26 -6.80 -11.12
C ASN B 152 -17.68 -7.36 -11.10
N ARG B 153 -18.56 -6.75 -10.32
CA ARG B 153 -19.93 -7.22 -10.22
C ARG B 153 -20.69 -7.00 -11.52
N TYR B 154 -20.47 -5.85 -12.18
CA TYR B 154 -21.22 -5.55 -13.40
C TYR B 154 -20.67 -6.27 -14.63
N ILE B 155 -19.48 -6.86 -14.57
CA ILE B 155 -18.98 -7.59 -15.73
C ILE B 155 -19.40 -9.07 -15.69
N HIS B 156 -19.21 -9.74 -14.55
CA HIS B 156 -19.57 -11.14 -14.40
C HIS B 156 -21.08 -11.30 -14.26
#